data_3QT4
#
_entry.id   3QT4
#
_cell.length_a   57.634
_cell.length_b   89.322
_cell.length_c   70.076
_cell.angle_alpha   90.00
_cell.angle_beta   92.50
_cell.angle_gamma   90.00
#
_symmetry.space_group_name_H-M   'C 1 2 1'
#
loop_
_entity.id
_entity.type
_entity.pdbx_description
1 polymer 'Cathepsin-L-like midgut cysteine proteinase'
2 non-polymer 'PHOSPHATE ION'
3 non-polymer 'TETRAETHYLENE GLYCOL'
4 non-polymer 1-(2-METHOXY-ETHOXY)-2-{2-[2-(2-METHOXY-ETHOXY]-ETHOXY}-ETHANE
5 water water
#
_entity_poly.entity_id   1
_entity_poly.type   'polypeptide(L)'
_entity_poly.pdbx_seq_one_letter_code
;MHHHHHHLEGSDLEICSLPKSLFQEQWSQFKLTHKKSYSSPIEEIRRQLIFKDNVAKIAEHNAKFEKGEVTYSKAMNQFG
DMSKEEFLAYVNRGKAQKPKHPENLRMPYVSSKKPLAASVDWRSNAVSEVKDQGQCGSSWSFSTTGAVEGQLALQRGRLT
SLSEQNLIDCSSSYGNAGCDGGWMDSAFSYIHDYGIMSESAYPYEAQGDYCRFDSSQSVTTLSGYYDLPSGDENSLADAV
GQAGPVAVAIDATDELQFYSGGLFYDQTCNQSDLNHGVLVVGYGSDNGQDYWILKNSWGSGWGESGYWRQVRNYGNNCGI
ATAASYPAL
;
_entity_poly.pdbx_strand_id   A
#
loop_
_chem_comp.id
_chem_comp.type
_chem_comp.name
_chem_comp.formula
PG4 non-polymer 'TETRAETHYLENE GLYCOL' 'C8 H18 O5'
PG6 non-polymer 1-(2-METHOXY-ETHOXY)-2-{2-[2-(2-METHOXY-ETHOXY]-ETHOXY}-ETHANE 'C12 H26 O6'
PO4 non-polymer 'PHOSPHATE ION' 'O4 P -3'
#
# COMPACT_ATOMS: atom_id res chain seq x y z
N LYS A 20 9.10 -3.71 -36.69
CA LYS A 20 8.53 -3.32 -35.36
C LYS A 20 9.65 -2.89 -34.41
N SER A 21 9.61 -1.66 -33.95
CA SER A 21 10.65 -1.17 -33.07
C SER A 21 10.56 -1.80 -31.68
N LEU A 22 11.66 -1.74 -30.94
CA LEU A 22 11.66 -2.16 -29.54
C LEU A 22 10.55 -1.43 -28.78
N PHE A 23 10.47 -0.11 -29.01
CA PHE A 23 9.48 0.69 -28.33
C PHE A 23 8.06 0.26 -28.64
N GLN A 24 7.79 0.02 -29.93
CA GLN A 24 6.47 -0.42 -30.35
C GLN A 24 6.12 -1.73 -29.69
N GLU A 25 7.11 -2.61 -29.59
CA GLU A 25 6.91 -3.88 -28.92
C GLU A 25 6.70 -3.69 -27.42
N GLN A 26 7.48 -2.81 -26.80
CA GLN A 26 7.27 -2.47 -25.40
C GLN A 26 5.87 -1.93 -25.19
N TRP A 27 5.42 -1.08 -26.11
CA TRP A 27 4.11 -0.44 -26.01
C TRP A 27 3.02 -1.47 -26.18
N SER A 28 3.21 -2.35 -27.15
CA SER A 28 2.27 -3.43 -27.39
C SER A 28 2.17 -4.35 -26.19
N GLN A 29 3.31 -4.73 -25.62
CA GLN A 29 3.35 -5.57 -24.43
C GLN A 29 2.68 -4.86 -23.25
N PHE A 30 2.96 -3.57 -23.12
CA PHE A 30 2.36 -2.79 -22.06
C PHE A 30 0.84 -2.83 -22.13
N LYS A 31 0.28 -2.52 -23.30
CA LYS A 31 -1.17 -2.46 -23.46
C LYS A 31 -1.80 -3.83 -23.23
N LEU A 32 -1.18 -4.87 -23.78
CA LEU A 32 -1.71 -6.22 -23.66
C LEU A 32 -1.70 -6.65 -22.20
N THR A 33 -0.50 -6.67 -21.62
CA THR A 33 -0.29 -7.06 -20.23
C THR A 33 -1.21 -6.31 -19.30
N HIS A 34 -1.40 -5.03 -19.56
CA HIS A 34 -2.19 -4.24 -18.64
C HIS A 34 -3.59 -3.96 -19.11
N LYS A 35 -4.05 -4.77 -20.06
CA LYS A 35 -5.47 -4.78 -20.39
C LYS A 35 -5.93 -3.38 -20.81
N LYS A 36 -5.05 -2.65 -21.49
N LYS A 36 -5.04 -2.65 -21.48
CA LYS A 36 -5.34 -1.29 -21.88
CA LYS A 36 -5.35 -1.28 -21.87
C LYS A 36 -6.27 -1.24 -23.08
C LYS A 36 -6.27 -1.25 -23.07
N SER A 37 -7.37 -0.52 -22.91
CA SER A 37 -8.28 -0.23 -23.99
C SER A 37 -8.63 1.21 -23.74
N TYR A 38 -8.02 2.12 -24.50
CA TYR A 38 -8.20 3.53 -24.21
C TYR A 38 -9.52 4.07 -24.71
N SER A 39 -9.98 5.12 -24.06
CA SER A 39 -11.25 5.76 -24.36
C SER A 39 -11.34 6.26 -25.81
N SER A 40 -10.18 6.53 -26.42
CA SER A 40 -10.14 7.12 -27.77
C SER A 40 -8.78 6.89 -28.40
N PRO A 41 -8.73 6.94 -29.74
CA PRO A 41 -7.43 6.86 -30.40
C PRO A 41 -6.46 7.93 -29.91
N ILE A 42 -6.94 9.17 -29.71
CA ILE A 42 -6.05 10.24 -29.27
C ILE A 42 -5.52 9.95 -27.87
N GLU A 43 -6.41 9.48 -27.00
CA GLU A 43 -6.01 9.07 -25.67
C GLU A 43 -4.90 8.03 -25.75
N GLU A 44 -5.06 7.03 -26.59
N GLU A 44 -5.08 7.03 -26.60
CA GLU A 44 -4.04 6.01 -26.74
CA GLU A 44 -4.07 5.98 -26.79
C GLU A 44 -2.72 6.61 -27.21
C GLU A 44 -2.74 6.60 -27.22
N ILE A 45 -2.81 7.56 -28.14
CA ILE A 45 -1.62 8.20 -28.69
C ILE A 45 -0.90 9.00 -27.63
N ARG A 46 -1.67 9.74 -26.83
N ARG A 46 -1.66 9.77 -26.85
CA ARG A 46 -1.09 10.55 -25.76
CA ARG A 46 -1.08 10.53 -25.74
C ARG A 46 -0.46 9.65 -24.69
C ARG A 46 -0.38 9.59 -24.79
N ARG A 47 -1.08 8.51 -24.44
CA ARG A 47 -0.59 7.55 -23.46
C ARG A 47 0.65 6.86 -23.95
N GLN A 48 0.69 6.59 -25.24
CA GLN A 48 1.86 6.03 -25.87
C GLN A 48 3.08 6.91 -25.62
N LEU A 49 2.90 8.22 -25.80
CA LEU A 49 3.97 9.19 -25.60
C LEU A 49 4.38 9.27 -24.14
N ILE A 50 3.40 9.18 -23.24
CA ILE A 50 3.73 9.18 -21.81
C ILE A 50 4.53 7.92 -21.50
N PHE A 51 4.07 6.80 -22.02
CA PHE A 51 4.73 5.52 -21.87
C PHE A 51 6.17 5.60 -22.35
N LYS A 52 6.36 6.18 -23.54
CA LYS A 52 7.70 6.38 -24.09
C LYS A 52 8.56 7.16 -23.11
N ASP A 53 8.02 8.23 -22.58
CA ASP A 53 8.74 9.03 -21.62
C ASP A 53 9.10 8.21 -20.39
N ASN A 54 8.14 7.42 -19.93
CA ASN A 54 8.34 6.56 -18.76
C ASN A 54 9.39 5.49 -19.00
N VAL A 55 9.34 4.86 -20.15
CA VAL A 55 10.38 3.91 -20.54
C VAL A 55 11.76 4.57 -20.39
N ALA A 56 11.90 5.81 -20.88
CA ALA A 56 13.18 6.52 -20.78
C ALA A 56 13.58 6.76 -19.33
N LYS A 57 12.61 7.19 -18.51
CA LYS A 57 12.87 7.47 -17.11
C LYS A 57 13.29 6.23 -16.36
N ILE A 58 12.62 5.12 -16.66
CA ILE A 58 12.94 3.85 -16.09
C ILE A 58 14.36 3.47 -16.51
N ALA A 59 14.64 3.56 -17.81
CA ALA A 59 15.96 3.23 -18.32
C ALA A 59 17.01 4.11 -17.68
N GLU A 60 16.75 5.42 -17.58
CA GLU A 60 17.67 6.35 -16.91
C GLU A 60 17.92 5.88 -15.48
N HIS A 61 16.84 5.62 -14.75
CA HIS A 61 17.01 5.12 -13.41
C HIS A 61 17.81 3.83 -13.36
N ASN A 62 17.48 2.88 -14.24
CA ASN A 62 18.17 1.59 -14.19
C ASN A 62 19.63 1.67 -14.59
N ALA A 63 19.96 2.65 -15.43
CA ALA A 63 21.36 2.93 -15.75
C ALA A 63 22.08 3.24 -14.44
N LYS A 64 21.48 4.10 -13.63
CA LYS A 64 22.04 4.46 -12.33
C LYS A 64 22.16 3.25 -11.43
N PHE A 65 21.16 2.39 -11.48
CA PHE A 65 21.11 1.19 -10.67
C PHE A 65 22.27 0.24 -11.01
N GLU A 66 22.44 -0.05 -12.30
CA GLU A 66 23.51 -0.92 -12.75
C GLU A 66 24.89 -0.34 -12.39
N LYS A 67 24.98 0.98 -12.32
CA LYS A 67 26.21 1.64 -11.89
C LYS A 67 26.35 1.63 -10.37
N GLY A 68 25.33 1.14 -9.67
CA GLY A 68 25.36 1.06 -8.22
C GLY A 68 25.17 2.42 -7.58
N GLU A 69 24.61 3.35 -8.34
CA GLU A 69 24.33 4.69 -7.84
C GLU A 69 22.98 4.76 -7.13
N VAL A 70 22.17 3.72 -7.31
CA VAL A 70 20.92 3.57 -6.56
C VAL A 70 20.76 2.10 -6.19
N THR A 71 20.08 1.83 -5.09
CA THR A 71 20.02 0.48 -4.54
C THR A 71 18.81 -0.29 -5.03
N TYR A 72 17.97 0.37 -5.81
CA TYR A 72 16.77 -0.27 -6.27
C TYR A 72 16.56 -0.02 -7.75
N SER A 73 15.85 -0.92 -8.39
CA SER A 73 15.65 -0.88 -9.82
C SER A 73 14.24 -0.40 -10.09
N LYS A 74 14.03 0.06 -11.30
CA LYS A 74 12.70 0.36 -11.76
C LYS A 74 12.31 -0.56 -12.89
N ALA A 75 11.00 -0.69 -13.13
CA ALA A 75 10.51 -1.49 -14.22
C ALA A 75 9.14 -1.00 -14.60
N MET A 76 8.78 -1.25 -15.84
CA MET A 76 7.48 -0.93 -16.35
C MET A 76 6.43 -1.66 -15.54
N ASN A 77 5.28 -1.03 -15.38
CA ASN A 77 4.19 -1.69 -14.73
C ASN A 77 2.94 -1.01 -15.28
N GLN A 78 1.80 -1.24 -14.66
CA GLN A 78 0.56 -0.72 -15.24
CA GLN A 78 0.51 -0.72 -15.11
C GLN A 78 0.48 0.80 -15.18
N PHE A 79 1.39 1.45 -14.45
CA PHE A 79 1.45 2.91 -14.44
C PHE A 79 2.30 3.47 -15.57
N GLY A 80 2.68 2.60 -16.48
CA GLY A 80 3.56 2.98 -17.58
C GLY A 80 3.02 4.12 -18.40
N ASP A 81 1.70 4.28 -18.43
CA ASP A 81 1.09 5.26 -19.29
C ASP A 81 0.64 6.50 -18.52
N MET A 82 1.17 6.63 -17.30
CA MET A 82 0.85 7.76 -16.46
C MET A 82 2.05 8.64 -16.30
N SER A 83 1.80 9.93 -16.39
CA SER A 83 2.85 10.91 -16.19
C SER A 83 3.09 11.03 -14.70
N LYS A 84 4.20 11.65 -14.33
CA LYS A 84 4.49 11.88 -12.93
C LYS A 84 3.38 12.67 -12.24
N GLU A 85 2.82 13.65 -12.95
CA GLU A 85 1.70 14.44 -12.44
C GLU A 85 0.48 13.58 -12.17
N GLU A 86 0.13 12.74 -13.14
CA GLU A 86 -0.99 11.83 -12.94
C GLU A 86 -0.71 10.83 -11.84
N PHE A 87 0.50 10.31 -11.79
CA PHE A 87 0.83 9.40 -10.72
C PHE A 87 0.71 10.09 -9.37
N LEU A 88 1.26 11.30 -9.26
CA LEU A 88 1.14 12.05 -8.02
C LEU A 88 -0.32 12.35 -7.71
N ALA A 89 -1.10 12.76 -8.70
CA ALA A 89 -2.53 13.00 -8.46
C ALA A 89 -3.12 11.69 -7.94
N TYR A 90 -2.71 10.58 -8.54
CA TYR A 90 -3.22 9.28 -8.15
C TYR A 90 -2.95 8.97 -6.67
N VAL A 91 -1.69 9.08 -6.25
CA VAL A 91 -1.38 8.81 -4.85
C VAL A 91 -1.93 9.90 -3.93
N ASN A 92 -2.03 11.12 -4.43
CA ASN A 92 -2.62 12.21 -3.64
C ASN A 92 -4.13 12.15 -3.53
N ARG A 93 -4.76 11.41 -4.44
CA ARG A 93 -6.20 11.40 -4.49
C ARG A 93 -6.79 10.82 -3.22
N GLY A 94 -6.06 9.91 -2.59
CA GLY A 94 -6.55 9.23 -1.38
C GLY A 94 -6.09 9.81 -0.05
N LYS A 95 -5.58 11.04 -0.06
CA LYS A 95 -5.28 11.75 1.18
C LYS A 95 -6.54 11.88 2.02
N ALA A 96 -6.47 11.42 3.27
CA ALA A 96 -7.57 11.54 4.24
C ALA A 96 -7.93 12.99 4.55
N GLN A 97 -9.22 13.24 4.81
CA GLN A 97 -9.70 14.58 5.16
C GLN A 97 -9.71 14.83 6.68
N ASN A 104 -11.73 6.72 23.16
CA ASN A 104 -12.52 6.27 22.02
C ASN A 104 -12.19 4.82 21.68
N LEU A 105 -11.49 4.59 20.57
CA LEU A 105 -11.06 3.25 20.20
C LEU A 105 -9.55 3.17 20.12
N ARG A 106 -8.93 4.34 20.04
CA ARG A 106 -7.48 4.45 20.03
C ARG A 106 -6.95 4.02 21.39
N MET A 107 -6.14 2.97 21.37
CA MET A 107 -5.47 2.46 22.56
CA MET A 107 -5.46 2.49 22.56
C MET A 107 -4.00 2.87 22.48
N PRO A 108 -3.37 3.14 23.65
CA PRO A 108 -1.99 3.59 23.48
C PRO A 108 -1.09 2.39 23.19
N TYR A 109 -0.17 2.54 22.23
CA TYR A 109 0.79 1.48 22.04
CA TYR A 109 0.86 1.54 22.01
C TYR A 109 1.68 1.41 23.28
N VAL A 110 1.96 0.18 23.67
CA VAL A 110 2.88 -0.09 24.73
C VAL A 110 3.95 -0.90 24.02
N SER A 111 5.16 -0.41 24.16
N SER A 111 5.18 -0.41 23.97
CA SER A 111 6.32 -1.18 23.76
CA SER A 111 6.30 -1.13 23.29
C SER A 111 6.21 -2.57 24.35
C SER A 111 6.67 -2.36 24.16
N SER A 112 6.58 -3.56 23.55
CA SER A 112 6.78 -4.88 24.17
C SER A 112 7.99 -4.91 25.12
N LYS A 113 8.95 -4.01 24.85
CA LYS A 113 10.20 -3.87 25.61
C LYS A 113 11.07 -5.13 25.43
N LYS A 114 10.99 -5.71 24.25
CA LYS A 114 11.77 -6.90 23.92
C LYS A 114 12.80 -6.54 22.85
N PRO A 115 13.86 -7.36 22.72
CA PRO A 115 14.78 -7.12 21.62
C PRO A 115 14.03 -7.18 20.29
N LEU A 116 14.30 -6.23 19.40
CA LEU A 116 13.73 -6.31 18.06
C LEU A 116 14.17 -7.62 17.45
N ALA A 117 13.21 -8.39 16.94
CA ALA A 117 13.53 -9.61 16.20
C ALA A 117 14.36 -9.13 15.06
N ALA A 118 15.42 -9.86 14.72
CA ALA A 118 16.33 -9.36 13.71
C ALA A 118 15.51 -9.02 12.47
N SER A 119 14.55 -9.90 12.17
CA SER A 119 13.81 -9.81 10.94
C SER A 119 12.44 -10.45 11.09
N VAL A 120 11.48 -9.85 10.38
CA VAL A 120 10.10 -10.29 10.41
C VAL A 120 9.59 -10.19 8.99
N ASP A 121 8.82 -11.18 8.59
CA ASP A 121 8.23 -11.19 7.27
C ASP A 121 6.93 -11.98 7.35
N TRP A 122 5.83 -11.23 7.28
CA TRP A 122 4.51 -11.80 7.44
C TRP A 122 3.92 -12.33 6.16
N ARG A 123 4.65 -12.20 5.07
CA ARG A 123 4.13 -12.53 3.75
C ARG A 123 3.71 -13.96 3.54
N SER A 124 4.35 -14.90 4.22
CA SER A 124 4.01 -16.29 4.00
C SER A 124 2.73 -16.68 4.73
N ASN A 125 2.36 -15.92 5.76
CA ASN A 125 1.32 -16.40 6.66
C ASN A 125 0.30 -15.38 7.15
N ALA A 126 0.58 -14.09 7.07
CA ALA A 126 -0.33 -13.15 7.70
C ALA A 126 -0.79 -12.08 6.73
N VAL A 127 -0.66 -12.35 5.44
CA VAL A 127 -1.06 -11.37 4.44
C VAL A 127 -1.97 -12.01 3.40
N SER A 128 -2.95 -11.25 2.95
CA SER A 128 -3.77 -11.69 1.83
C SER A 128 -2.97 -11.48 0.56
N GLU A 129 -3.53 -11.88 -0.57
CA GLU A 129 -2.97 -11.61 -1.87
C GLU A 129 -2.75 -10.11 -2.01
N VAL A 130 -1.81 -9.75 -2.87
CA VAL A 130 -1.61 -8.36 -3.23
C VAL A 130 -2.82 -7.97 -4.04
N LYS A 131 -3.38 -6.83 -3.68
CA LYS A 131 -4.56 -6.36 -4.35
C LYS A 131 -4.19 -5.11 -5.13
N ASP A 132 -5.18 -4.55 -5.77
CA ASP A 132 -4.95 -3.42 -6.62
C ASP A 132 -6.11 -2.47 -6.43
N GLN A 133 -5.82 -1.31 -5.87
CA GLN A 133 -6.87 -0.32 -5.63
C GLN A 133 -7.38 0.27 -6.93
N GLY A 134 -6.64 0.06 -8.01
CA GLY A 134 -7.03 0.56 -9.32
C GLY A 134 -7.06 2.07 -9.31
N GLN A 135 -7.98 2.62 -10.11
CA GLN A 135 -8.11 4.06 -10.28
C GLN A 135 -9.12 4.58 -9.28
N CYS A 136 -8.71 4.56 -8.03
CA CYS A 136 -9.56 4.84 -6.91
C CYS A 136 -8.56 5.15 -5.81
N GLY A 137 -8.74 6.27 -5.14
CA GLY A 137 -7.84 6.69 -4.09
C GLY A 137 -8.25 6.02 -2.80
N SER A 138 -8.16 4.69 -2.78
CA SER A 138 -8.72 3.93 -1.69
C SER A 138 -7.65 3.15 -0.93
N SER A 139 -6.39 3.55 -1.06
CA SER A 139 -5.29 2.83 -0.41
C SER A 139 -5.58 2.67 1.09
N TRP A 140 -6.22 3.66 1.68
CA TRP A 140 -6.59 3.61 3.09
C TRP A 140 -7.37 2.35 3.41
N SER A 141 -8.23 1.92 2.48
CA SER A 141 -9.08 0.73 2.71
C SER A 141 -8.27 -0.55 2.61
N PHE A 142 -7.25 -0.53 1.76
CA PHE A 142 -6.39 -1.71 1.60
C PHE A 142 -5.43 -1.82 2.76
N SER A 143 -4.93 -0.68 3.18
CA SER A 143 -4.11 -0.62 4.38
C SER A 143 -4.94 -1.14 5.54
N THR A 144 -6.19 -0.70 5.63
CA THR A 144 -7.09 -1.21 6.66
C THR A 144 -7.28 -2.71 6.58
N THR A 145 -7.72 -3.20 5.42
CA THR A 145 -8.00 -4.62 5.33
C THR A 145 -6.75 -5.45 5.61
N GLY A 146 -5.60 -5.03 5.08
CA GLY A 146 -4.38 -5.77 5.33
C GLY A 146 -4.03 -5.87 6.81
N ALA A 147 -4.23 -4.78 7.54
CA ALA A 147 -3.89 -4.76 8.96
C ALA A 147 -4.87 -5.67 9.69
N VAL A 148 -6.14 -5.60 9.32
CA VAL A 148 -7.11 -6.47 9.96
C VAL A 148 -6.83 -7.91 9.56
N GLU A 149 -6.58 -8.14 8.28
CA GLU A 149 -6.24 -9.48 7.80
C GLU A 149 -5.08 -10.03 8.58
N GLY A 150 -4.07 -9.21 8.85
CA GLY A 150 -2.90 -9.66 9.58
C GLY A 150 -3.29 -10.10 10.98
N GLN A 151 -4.20 -9.37 11.60
CA GLN A 151 -4.68 -9.71 12.93
C GLN A 151 -5.56 -10.96 12.90
N LEU A 152 -6.35 -11.13 11.84
CA LEU A 152 -7.14 -12.35 11.72
C LEU A 152 -6.23 -13.55 11.61
N ALA A 153 -5.20 -13.41 10.79
CA ALA A 153 -4.24 -14.47 10.61
C ALA A 153 -3.52 -14.78 11.92
N LEU A 154 -3.07 -13.73 12.58
CA LEU A 154 -2.11 -13.89 13.67
C LEU A 154 -2.75 -14.06 15.03
N GLN A 155 -3.93 -13.49 15.20
N GLN A 155 -3.94 -13.51 15.20
CA GLN A 155 -4.69 -13.62 16.44
CA GLN A 155 -4.66 -13.63 16.47
C GLN A 155 -5.63 -14.79 16.34
C GLN A 155 -5.75 -14.72 16.40
N ARG A 156 -6.33 -14.90 15.21
CA ARG A 156 -7.38 -15.89 15.09
CA ARG A 156 -7.40 -15.87 15.03
C ARG A 156 -6.92 -17.16 14.38
N GLY A 157 -5.75 -17.10 13.75
CA GLY A 157 -5.23 -18.29 13.09
C GLY A 157 -5.93 -18.59 11.78
N ARG A 158 -6.64 -17.60 11.24
CA ARG A 158 -7.29 -17.76 9.96
C ARG A 158 -7.24 -16.45 9.20
N LEU A 159 -6.44 -16.41 8.15
CA LEU A 159 -6.47 -15.28 7.26
C LEU A 159 -7.68 -15.35 6.37
N THR A 160 -8.51 -14.31 6.45
CA THR A 160 -9.55 -14.07 5.48
C THR A 160 -9.23 -12.75 4.83
N SER A 161 -9.15 -12.76 3.50
CA SER A 161 -8.98 -11.54 2.75
C SER A 161 -10.25 -10.72 2.91
N LEU A 162 -10.10 -9.44 3.24
CA LEU A 162 -11.25 -8.63 3.62
C LEU A 162 -11.62 -7.62 2.57
N SER A 163 -12.86 -7.12 2.68
CA SER A 163 -13.45 -6.26 1.68
C SER A 163 -13.11 -4.78 1.87
N GLU A 164 -12.32 -4.23 0.96
CA GLU A 164 -12.09 -2.79 0.93
C GLU A 164 -13.37 -2.07 0.55
N GLN A 165 -14.15 -2.71 -0.30
CA GLN A 165 -15.35 -2.10 -0.83
C GLN A 165 -16.31 -1.85 0.30
N ASN A 166 -16.42 -2.82 1.20
CA ASN A 166 -17.23 -2.69 2.40
C ASN A 166 -16.88 -1.39 3.07
N LEU A 167 -15.58 -1.14 3.23
CA LEU A 167 -15.11 0.07 3.89
C LEU A 167 -15.42 1.29 3.07
N ILE A 168 -15.17 1.18 1.77
CA ILE A 168 -15.39 2.27 0.83
C ILE A 168 -16.86 2.69 0.83
N ASP A 169 -17.75 1.72 0.69
CA ASP A 169 -19.17 1.98 0.59
C ASP A 169 -19.82 2.43 1.90
N CYS A 170 -19.22 2.07 3.02
CA CYS A 170 -19.97 2.10 4.27
C CYS A 170 -19.42 3.01 5.35
N SER A 171 -18.16 3.42 5.23
CA SER A 171 -17.47 4.10 6.33
C SER A 171 -17.31 5.60 6.11
N SER A 172 -18.07 6.15 5.18
CA SER A 172 -17.97 7.56 4.88
C SER A 172 -18.29 8.45 6.08
N SER A 173 -19.17 8.00 6.97
CA SER A 173 -19.56 8.83 8.10
C SER A 173 -18.46 8.84 9.14
N TYR A 174 -17.46 7.98 8.95
CA TYR A 174 -16.32 7.94 9.83
C TYR A 174 -15.21 8.84 9.34
N GLY A 175 -15.47 9.53 8.24
CA GLY A 175 -14.51 10.47 7.68
C GLY A 175 -13.90 9.98 6.37
N ASN A 176 -14.23 8.76 5.99
CA ASN A 176 -13.66 8.20 4.77
C ASN A 176 -14.42 8.67 3.56
N ALA A 177 -13.72 8.80 2.45
CA ALA A 177 -14.31 9.36 1.25
C ALA A 177 -14.04 8.45 0.08
N GLY A 178 -14.11 7.14 0.33
CA GLY A 178 -14.11 6.13 -0.73
C GLY A 178 -12.88 6.20 -1.60
N CYS A 179 -13.09 6.52 -2.87
CA CYS A 179 -12.02 6.65 -3.83
C CYS A 179 -11.33 7.99 -3.74
N ASP A 180 -11.76 8.83 -2.80
CA ASP A 180 -11.10 10.12 -2.58
C ASP A 180 -10.50 10.20 -1.20
N GLY A 181 -10.07 9.06 -0.68
CA GLY A 181 -9.28 9.08 0.52
C GLY A 181 -10.03 8.60 1.71
N GLY A 182 -9.29 8.41 2.78
CA GLY A 182 -9.87 7.85 3.97
C GLY A 182 -8.72 7.58 4.87
N TRP A 183 -9.02 6.99 6.01
CA TRP A 183 -8.07 6.90 7.05
C TRP A 183 -8.25 5.55 7.69
N MET A 184 -7.16 4.83 7.87
CA MET A 184 -7.21 3.48 8.38
C MET A 184 -7.90 3.44 9.73
N ASP A 185 -7.54 4.37 10.62
CA ASP A 185 -8.12 4.40 11.96
C ASP A 185 -9.63 4.66 11.91
N SER A 186 -10.04 5.52 10.98
CA SER A 186 -11.45 5.76 10.76
C SER A 186 -12.13 4.50 10.27
N ALA A 187 -11.45 3.78 9.38
CA ALA A 187 -11.99 2.50 8.91
C ALA A 187 -12.03 1.49 10.04
N PHE A 188 -10.99 1.45 10.87
CA PHE A 188 -10.99 0.55 12.02
C PHE A 188 -12.20 0.83 12.91
N SER A 189 -12.52 2.11 13.10
CA SER A 189 -13.68 2.46 13.94
C SER A 189 -14.96 2.00 13.27
N TYR A 190 -15.05 2.15 11.95
CA TYR A 190 -16.20 1.62 11.23
C TYR A 190 -16.31 0.14 11.51
N ILE A 191 -15.20 -0.58 11.41
CA ILE A 191 -15.24 -2.03 11.58
C ILE A 191 -15.69 -2.38 12.98
N HIS A 192 -15.29 -1.55 13.93
CA HIS A 192 -15.65 -1.72 15.31
C HIS A 192 -17.16 -1.61 15.52
N ASP A 193 -17.76 -0.62 14.87
CA ASP A 193 -19.19 -0.37 14.98
C ASP A 193 -20.02 -1.27 14.09
N TYR A 194 -19.41 -1.78 13.03
CA TYR A 194 -20.13 -2.68 12.16
C TYR A 194 -19.38 -3.98 12.05
N GLY A 195 -18.50 -4.05 11.07
CA GLY A 195 -17.64 -5.20 10.92
C GLY A 195 -17.03 -5.06 9.57
N ILE A 196 -16.60 -6.18 9.03
CA ILE A 196 -16.07 -6.18 7.70
C ILE A 196 -16.29 -7.55 7.08
N MET A 197 -16.78 -7.53 5.85
CA MET A 197 -17.03 -8.74 5.11
C MET A 197 -15.78 -9.15 4.38
N SER A 198 -15.79 -10.37 3.88
CA SER A 198 -14.63 -10.86 3.17
C SER A 198 -14.56 -10.18 1.80
N GLU A 199 -13.34 -10.11 1.27
CA GLU A 199 -13.12 -9.69 -0.07
C GLU A 199 -14.06 -10.44 -1.00
N SER A 200 -14.19 -11.74 -0.75
CA SER A 200 -15.01 -12.62 -1.58
CA SER A 200 -15.01 -12.61 -1.59
C SER A 200 -16.48 -12.17 -1.57
N ALA A 201 -17.02 -11.96 -0.38
CA ALA A 201 -18.43 -11.63 -0.22
C ALA A 201 -18.76 -10.24 -0.70
N TYR A 202 -17.77 -9.35 -0.68
CA TYR A 202 -18.02 -7.95 -0.94
C TYR A 202 -16.85 -7.42 -1.79
N PRO A 203 -16.81 -7.83 -3.06
CA PRO A 203 -15.66 -7.63 -3.92
C PRO A 203 -15.36 -6.18 -4.28
N TYR A 204 -14.12 -5.96 -4.69
CA TYR A 204 -13.65 -4.62 -4.87
C TYR A 204 -14.10 -4.10 -6.21
N GLU A 205 -14.60 -2.87 -6.23
CA GLU A 205 -15.14 -2.27 -7.44
C GLU A 205 -14.29 -1.12 -7.92
N ALA A 206 -13.34 -0.69 -7.08
CA ALA A 206 -12.51 0.50 -7.36
C ALA A 206 -13.36 1.72 -7.67
N GLN A 207 -14.51 1.81 -7.00
CA GLN A 207 -15.37 2.96 -7.14
C GLN A 207 -16.25 2.97 -5.91
N GLY A 208 -16.70 4.16 -5.52
CA GLY A 208 -17.68 4.26 -4.46
C GLY A 208 -18.99 3.63 -4.89
N ASP A 209 -19.62 2.91 -3.98
CA ASP A 209 -20.87 2.30 -4.31
C ASP A 209 -21.74 2.35 -3.07
N TYR A 210 -22.94 1.77 -3.16
CA TYR A 210 -23.83 1.69 -2.00
C TYR A 210 -23.31 0.70 -0.95
N CYS A 211 -23.48 1.07 0.31
CA CYS A 211 -23.16 0.20 1.41
C CYS A 211 -24.08 -1.01 1.40
N ARG A 212 -23.48 -2.18 1.28
CA ARG A 212 -24.21 -3.40 1.19
C ARG A 212 -23.70 -4.30 2.27
N PHE A 213 -23.13 -3.68 3.28
CA PHE A 213 -22.66 -4.41 4.43
C PHE A 213 -23.83 -5.23 4.97
N ASP A 214 -23.52 -6.47 5.32
CA ASP A 214 -24.47 -7.38 5.89
C ASP A 214 -23.77 -7.99 7.07
N SER A 215 -24.18 -7.58 8.28
CA SER A 215 -23.52 -7.99 9.51
C SER A 215 -23.46 -9.49 9.71
N SER A 216 -24.40 -10.24 9.13
CA SER A 216 -24.36 -11.69 9.25
C SER A 216 -23.18 -12.24 8.48
N GLN A 217 -22.58 -11.42 7.63
CA GLN A 217 -21.46 -11.88 6.84
C GLN A 217 -20.16 -11.26 7.32
N SER A 218 -20.24 -10.46 8.37
CA SER A 218 -19.07 -9.84 8.93
C SER A 218 -18.09 -10.92 9.32
N VAL A 219 -16.86 -10.79 8.85
CA VAL A 219 -15.81 -11.71 9.21
C VAL A 219 -15.35 -11.39 10.63
N THR A 220 -15.31 -10.11 10.97
CA THR A 220 -14.81 -9.70 12.26
C THR A 220 -15.25 -8.30 12.53
N THR A 221 -15.28 -7.97 13.82
CA THR A 221 -15.34 -6.58 14.21
C THR A 221 -13.97 -6.31 14.81
N LEU A 222 -13.82 -5.14 15.43
CA LEU A 222 -12.57 -4.77 16.10
C LEU A 222 -12.94 -4.18 17.41
N SER A 223 -12.08 -4.36 18.41
CA SER A 223 -12.28 -3.74 19.73
C SER A 223 -11.68 -2.35 19.74
N GLY A 224 -10.66 -2.13 18.90
CA GLY A 224 -10.05 -0.82 18.77
C GLY A 224 -8.79 -0.94 17.94
N TYR A 225 -7.85 -0.04 18.18
CA TYR A 225 -6.61 -0.05 17.46
C TYR A 225 -5.55 0.69 18.24
N TYR A 226 -4.31 0.41 17.89
CA TYR A 226 -3.17 1.07 18.49
C TYR A 226 -2.53 2.01 17.49
N ASP A 227 -2.47 3.29 17.83
CA ASP A 227 -1.60 4.22 17.12
C ASP A 227 -0.20 4.13 17.71
N LEU A 228 0.77 3.92 16.84
CA LEU A 228 2.15 3.80 17.23
C LEU A 228 2.76 5.17 17.32
N PRO A 229 3.78 5.34 18.19
CA PRO A 229 4.34 6.68 18.34
C PRO A 229 4.81 7.22 16.99
N SER A 230 4.40 8.44 16.67
CA SER A 230 4.67 8.99 15.36
C SER A 230 6.15 9.09 15.09
N GLY A 231 6.57 8.59 13.93
CA GLY A 231 7.96 8.73 13.49
C GLY A 231 8.90 7.73 14.13
N ASP A 232 8.36 6.84 14.96
CA ASP A 232 9.20 5.95 15.73
C ASP A 232 9.29 4.63 14.99
N GLU A 233 10.40 4.46 14.29
CA GLU A 233 10.60 3.27 13.49
C GLU A 233 10.84 2.03 14.32
N ASN A 234 11.42 2.20 15.51
CA ASN A 234 11.66 1.07 16.39
C ASN A 234 10.38 0.51 16.98
N SER A 235 9.47 1.40 17.36
CA SER A 235 8.16 1.02 17.85
C SER A 235 7.38 0.32 16.74
N LEU A 236 7.52 0.82 15.52
CA LEU A 236 6.88 0.21 14.37
C LEU A 236 7.42 -1.20 14.18
N ALA A 237 8.75 -1.34 14.20
CA ALA A 237 9.36 -2.64 14.07
C ALA A 237 8.89 -3.57 15.19
N ASP A 238 8.82 -3.03 16.40
CA ASP A 238 8.38 -3.80 17.56
C ASP A 238 6.98 -4.34 17.28
N ALA A 239 6.06 -3.45 16.89
CA ALA A 239 4.69 -3.81 16.55
C ALA A 239 4.64 -4.82 15.41
N VAL A 240 5.43 -4.59 14.37
CA VAL A 240 5.40 -5.50 13.25
C VAL A 240 5.74 -6.91 13.73
N GLY A 241 6.78 -7.03 14.56
CA GLY A 241 7.19 -8.35 15.05
C GLY A 241 6.28 -8.93 16.10
N GLN A 242 5.73 -8.07 16.95
CA GLN A 242 5.01 -8.52 18.15
C GLN A 242 3.51 -8.57 17.97
N ALA A 243 2.99 -7.82 17.01
CA ALA A 243 1.56 -7.80 16.75
C ALA A 243 1.24 -8.28 15.33
N GLY A 244 2.07 -7.92 14.37
CA GLY A 244 1.82 -8.29 12.99
C GLY A 244 1.84 -7.11 12.03
N PRO A 245 1.32 -7.31 10.81
CA PRO A 245 1.31 -6.24 9.80
C PRO A 245 0.70 -4.97 10.37
N VAL A 246 1.34 -3.85 10.09
CA VAL A 246 0.89 -2.57 10.63
C VAL A 246 0.51 -1.66 9.48
N ALA A 247 -0.70 -1.09 9.57
CA ALA A 247 -1.17 -0.06 8.66
C ALA A 247 -0.34 1.18 8.86
N VAL A 248 0.17 1.73 7.78
CA VAL A 248 0.94 2.94 7.82
C VAL A 248 0.50 3.79 6.65
N ALA A 249 0.88 5.04 6.70
CA ALA A 249 0.62 5.95 5.62
C ALA A 249 1.94 6.57 5.29
N ILE A 250 2.24 6.61 4.01
CA ILE A 250 3.51 7.13 3.59
C ILE A 250 3.28 8.31 2.68
N ASP A 251 4.35 9.05 2.48
CA ASP A 251 4.37 10.04 1.45
C ASP A 251 4.85 9.31 0.20
N ALA A 252 3.89 8.82 -0.57
CA ALA A 252 4.20 8.23 -1.86
C ALA A 252 4.53 9.34 -2.83
N THR A 253 5.70 9.23 -3.44
CA THR A 253 6.06 10.14 -4.49
C THR A 253 6.16 9.36 -5.77
N ASP A 254 6.49 10.05 -6.84
CA ASP A 254 6.61 9.41 -8.11
C ASP A 254 7.77 8.44 -8.17
N GLU A 255 8.70 8.56 -7.23
CA GLU A 255 9.78 7.58 -7.15
C GLU A 255 9.26 6.15 -7.09
N LEU A 256 8.10 5.96 -6.47
CA LEU A 256 7.52 4.64 -6.33
C LEU A 256 6.88 4.18 -7.61
N GLN A 257 6.56 5.10 -8.50
CA GLN A 257 5.74 4.75 -9.65
C GLN A 257 6.22 3.48 -10.33
N PHE A 258 7.54 3.43 -10.58
CA PHE A 258 8.12 2.29 -11.27
C PHE A 258 9.11 1.51 -10.45
N TYR A 259 9.09 1.70 -9.13
CA TYR A 259 9.86 0.80 -8.28
C TYR A 259 9.63 -0.65 -8.72
N SER A 260 10.72 -1.38 -8.85
CA SER A 260 10.62 -2.75 -9.29
C SER A 260 11.20 -3.67 -8.25
N GLY A 261 12.39 -3.37 -7.78
CA GLY A 261 13.06 -4.31 -6.89
C GLY A 261 14.20 -3.66 -6.17
N GLY A 262 14.58 -4.26 -5.06
CA GLY A 262 15.71 -3.78 -4.31
C GLY A 262 15.26 -2.91 -3.17
N LEU A 263 16.25 -2.36 -2.49
CA LEU A 263 15.99 -1.57 -1.34
C LEU A 263 15.59 -0.17 -1.80
N PHE A 264 14.32 0.15 -1.67
CA PHE A 264 13.84 1.46 -2.08
C PHE A 264 14.22 2.48 -1.02
N TYR A 265 14.59 3.65 -1.49
CA TYR A 265 14.63 4.83 -0.64
CA TYR A 265 14.66 4.83 -0.65
C TYR A 265 14.19 5.98 -1.51
N ASP A 266 13.56 6.94 -0.88
CA ASP A 266 13.04 8.04 -1.59
C ASP A 266 13.67 9.30 -1.04
N GLN A 267 14.47 9.93 -1.88
CA GLN A 267 15.15 11.19 -1.56
CA GLN A 267 15.12 11.19 -1.53
C GLN A 267 14.19 12.37 -1.77
N THR A 268 12.98 12.08 -2.21
CA THR A 268 12.08 13.15 -2.61
C THR A 268 10.90 13.32 -1.69
N CYS A 269 10.68 12.34 -0.83
CA CYS A 269 9.54 12.34 0.08
C CYS A 269 9.91 12.95 1.41
N ASN A 270 8.90 13.31 2.19
CA ASN A 270 9.11 13.68 3.56
C ASN A 270 8.26 12.76 4.42
N GLN A 271 8.22 13.02 5.72
CA GLN A 271 7.59 12.08 6.63
C GLN A 271 6.23 12.55 7.01
N SER A 272 5.79 13.67 6.46
CA SER A 272 4.59 14.30 7.01
C SER A 272 3.45 14.43 6.01
N ASP A 273 3.79 14.60 4.74
CA ASP A 273 2.80 14.77 3.71
C ASP A 273 2.38 13.40 3.24
N LEU A 274 1.64 12.70 4.09
CA LEU A 274 1.28 11.32 3.81
C LEU A 274 0.11 11.29 2.84
N ASN A 275 0.12 10.37 1.90
CA ASN A 275 -0.98 10.36 0.94
C ASN A 275 -1.41 8.97 0.60
N HIS A 276 -0.70 7.97 1.11
CA HIS A 276 -0.87 6.61 0.63
C HIS A 276 -0.79 5.62 1.77
N GLY A 277 -1.89 4.92 2.01
CA GLY A 277 -1.97 3.95 3.09
C GLY A 277 -1.48 2.61 2.57
N VAL A 278 -0.56 2.03 3.31
CA VAL A 278 -0.05 0.72 2.96
C VAL A 278 0.10 -0.08 4.22
N LEU A 279 0.88 -1.14 4.13
CA LEU A 279 0.94 -2.12 5.19
C LEU A 279 2.36 -2.55 5.32
N VAL A 280 2.89 -2.43 6.51
CA VAL A 280 4.22 -2.94 6.79
C VAL A 280 4.05 -4.38 7.21
N VAL A 281 4.67 -5.27 6.44
CA VAL A 281 4.47 -6.69 6.65
C VAL A 281 5.77 -7.32 7.07
N GLY A 282 6.79 -6.50 7.29
CA GLY A 282 8.00 -7.04 7.83
C GLY A 282 9.10 -6.03 7.84
N TYR A 283 10.29 -6.53 8.17
CA TYR A 283 11.49 -5.73 8.21
C TYR A 283 12.64 -6.68 8.42
N GLY A 284 13.82 -6.17 8.18
CA GLY A 284 15.01 -6.93 8.39
C GLY A 284 16.16 -6.01 8.12
N SER A 285 17.29 -6.64 7.83
CA SER A 285 18.49 -5.93 7.47
C SER A 285 19.14 -6.69 6.32
N ASP A 286 19.44 -5.99 5.24
CA ASP A 286 20.06 -6.59 4.07
C ASP A 286 21.46 -6.02 3.98
N ASN A 287 22.45 -6.91 4.14
CA ASN A 287 23.87 -6.52 4.25
C ASN A 287 24.12 -5.19 5.00
N GLY A 288 23.62 -5.12 6.23
CA GLY A 288 23.82 -3.95 7.09
C GLY A 288 22.74 -2.88 6.91
N GLN A 289 22.02 -2.95 5.79
CA GLN A 289 20.99 -1.97 5.53
C GLN A 289 19.64 -2.45 6.02
N ASP A 290 19.14 -1.76 7.04
CA ASP A 290 17.82 -2.00 7.59
C ASP A 290 16.74 -1.69 6.55
N TYR A 291 15.72 -2.55 6.49
CA TYR A 291 14.63 -2.30 5.56
C TYR A 291 13.32 -2.62 6.21
N TRP A 292 12.28 -2.05 5.64
CA TRP A 292 10.91 -2.40 5.90
C TRP A 292 10.46 -3.20 4.70
N ILE A 293 9.55 -4.13 4.94
CA ILE A 293 8.83 -4.74 3.84
C ILE A 293 7.42 -4.22 3.88
N LEU A 294 6.98 -3.67 2.76
CA LEU A 294 5.67 -3.07 2.73
C LEU A 294 4.87 -3.70 1.63
N LYS A 295 3.58 -3.87 1.90
CA LYS A 295 2.66 -4.36 0.92
C LYS A 295 1.97 -3.18 0.33
N ASN A 296 1.99 -3.07 -0.99
CA ASN A 296 1.26 -2.00 -1.65
C ASN A 296 -0.07 -2.54 -2.13
N SER A 297 -0.89 -1.66 -2.72
CA SER A 297 -2.15 -2.06 -3.30
C SER A 297 -2.21 -1.61 -4.75
N TRP A 298 -1.12 -1.83 -5.47
CA TRP A 298 -1.02 -1.51 -6.89
C TRP A 298 -0.85 -2.76 -7.72
N GLY A 299 -1.27 -3.89 -7.18
CA GLY A 299 -1.26 -5.14 -7.92
C GLY A 299 0.09 -5.81 -7.75
N SER A 300 0.17 -7.06 -8.15
CA SER A 300 1.42 -7.82 -8.01
C SER A 300 2.41 -7.48 -9.12
N GLY A 301 1.94 -6.75 -10.13
CA GLY A 301 2.82 -6.32 -11.22
C GLY A 301 3.66 -5.11 -10.85
N TRP A 302 3.43 -4.58 -9.66
CA TRP A 302 4.19 -3.46 -9.16
C TRP A 302 5.19 -3.97 -8.14
N GLY A 303 6.42 -3.49 -8.23
CA GLY A 303 7.44 -3.79 -7.24
C GLY A 303 7.79 -5.27 -7.19
N GLU A 304 8.08 -5.74 -5.98
CA GLU A 304 8.43 -7.13 -5.78
C GLU A 304 7.15 -7.88 -5.51
N SER A 305 6.50 -8.27 -6.61
CA SER A 305 5.23 -8.98 -6.57
C SER A 305 4.21 -8.19 -5.75
N GLY A 306 4.28 -6.87 -5.80
CA GLY A 306 3.28 -6.04 -5.14
C GLY A 306 3.73 -5.45 -3.81
N TYR A 307 4.89 -5.93 -3.35
CA TYR A 307 5.48 -5.46 -2.12
C TYR A 307 6.66 -4.61 -2.47
N TRP A 308 7.23 -3.96 -1.47
CA TRP A 308 8.53 -3.40 -1.66
C TRP A 308 9.27 -3.38 -0.37
N ARG A 309 10.58 -3.27 -0.49
CA ARG A 309 11.43 -3.05 0.64
C ARG A 309 11.87 -1.60 0.57
N GLN A 310 11.78 -0.94 1.70
CA GLN A 310 12.19 0.45 1.78
C GLN A 310 13.14 0.58 2.96
N VAL A 311 14.14 1.44 2.83
CA VAL A 311 15.06 1.69 3.92
C VAL A 311 14.34 1.91 5.24
N ARG A 312 14.80 1.20 6.25
CA ARG A 312 14.34 1.38 7.62
C ARG A 312 15.43 2.07 8.41
N ASN A 313 15.06 2.86 9.42
CA ASN A 313 16.06 3.62 10.18
C ASN A 313 16.85 4.52 9.26
N TYR A 314 16.19 4.99 8.21
CA TYR A 314 16.75 6.00 7.34
C TYR A 314 15.89 7.24 7.46
N GLY A 315 15.88 7.83 8.65
CA GLY A 315 15.08 9.02 8.91
C GLY A 315 13.61 8.80 8.58
N ASN A 316 13.08 7.65 8.96
CA ASN A 316 11.64 7.37 8.79
C ASN A 316 11.18 7.73 7.37
N ASN A 317 11.89 7.19 6.41
CA ASN A 317 11.78 7.62 5.04
C ASN A 317 10.31 7.59 4.58
N CYS A 318 9.86 8.73 4.05
CA CYS A 318 8.51 8.87 3.52
C CYS A 318 7.42 8.66 4.56
N GLY A 319 7.80 8.70 5.84
CA GLY A 319 6.80 8.74 6.90
C GLY A 319 6.20 7.38 7.20
N ILE A 320 6.94 6.32 6.84
CA ILE A 320 6.52 4.95 7.16
C ILE A 320 6.00 4.84 8.58
N ALA A 321 6.74 5.38 9.56
CA ALA A 321 6.32 5.25 10.97
C ALA A 321 5.61 6.47 11.53
N THR A 322 5.18 7.38 10.66
CA THR A 322 4.55 8.62 11.08
C THR A 322 3.11 8.40 11.56
N ALA A 323 2.39 7.51 10.90
CA ALA A 323 0.99 7.29 11.22
C ALA A 323 0.72 5.81 11.08
N ALA A 324 1.42 5.05 11.93
CA ALA A 324 1.30 3.61 11.95
C ALA A 324 0.27 3.23 13.00
N SER A 325 -0.57 2.28 12.60
CA SER A 325 -1.56 1.73 13.49
C SER A 325 -1.91 0.32 13.06
N TYR A 326 -2.40 -0.44 14.02
CA TYR A 326 -2.88 -1.75 13.76
C TYR A 326 -4.06 -1.99 14.68
N PRO A 327 -4.99 -2.85 14.23
CA PRO A 327 -6.22 -3.00 14.97
C PRO A 327 -6.17 -4.10 16.01
N ALA A 328 -6.99 -3.96 17.04
CA ALA A 328 -7.19 -5.04 17.99
C ALA A 328 -8.52 -5.68 17.63
N LEU A 329 -8.50 -7.00 17.44
CA LEU A 329 -9.73 -7.73 17.14
C LEU A 329 -10.73 -7.63 18.30
P PO4 B . -4.25 6.86 -2.63
O1 PO4 B . -2.90 6.27 -2.96
O2 PO4 B . -4.08 7.89 -1.56
O3 PO4 B . -4.85 7.52 -3.86
O4 PO4 B . -5.23 5.83 -2.16
P PO4 C . 7.88 -14.01 10.72
O1 PO4 C . 9.33 -13.76 10.33
O2 PO4 C . 7.76 -14.38 12.18
O3 PO4 C . 7.10 -12.75 10.45
O4 PO4 C . 7.30 -15.13 9.88
P PO4 D . -15.68 7.32 -7.42
O1 PO4 D . -14.34 7.07 -8.10
O2 PO4 D . -15.89 6.39 -6.26
O3 PO4 D . -15.70 8.75 -6.91
O4 PO4 D . -16.79 7.12 -8.43
P PO4 E . 24.32 -3.53 -9.05
O1 PO4 E . 25.64 -3.96 -8.45
O2 PO4 E . 23.32 -4.67 -8.96
O3 PO4 E . 23.78 -2.33 -8.29
O4 PO4 E . 24.53 -3.16 -10.49
P PO4 F . 16.24 8.22 -9.24
O1 PO4 F . 17.69 8.64 -9.41
O2 PO4 F . 16.16 7.08 -8.24
O3 PO4 F . 15.46 9.41 -8.74
O4 PO4 F . 15.67 7.80 -10.57
P PO4 G . -2.81 -4.70 -14.16
O1 PO4 G . -2.21 -5.20 -15.46
O2 PO4 G . -1.72 -4.56 -13.13
O3 PO4 G . -3.48 -3.37 -14.40
O4 PO4 G . -3.83 -5.70 -13.66
P PO4 H . -10.36 -10.95 -7.59
O1 PO4 H . -10.32 -12.46 -7.69
O2 PO4 H . -9.99 -10.53 -6.18
O3 PO4 H . -9.38 -10.35 -8.58
O4 PO4 H . -11.75 -10.45 -7.91
P PO4 I . 18.34 4.66 -29.18
O1 PO4 I . 19.78 4.94 -29.55
O2 PO4 I . 18.26 3.40 -28.34
O3 PO4 I . 17.81 5.81 -28.36
O4 PO4 I . 17.53 4.49 -30.44
P PO4 J . -22.84 6.32 -3.88
O1 PO4 J . -21.60 6.40 -4.74
O2 PO4 J . -23.68 7.57 -4.08
O3 PO4 J . -23.65 5.12 -4.26
O4 PO4 J . -22.44 6.22 -2.42
P PO4 K . -8.33 6.63 -20.57
O1 PO4 K . -6.82 6.81 -20.64
O2 PO4 K . -8.66 6.11 -19.18
O3 PO4 K . -9.06 7.93 -20.79
O4 PO4 K . -8.77 5.62 -21.60
O1 PG4 L . 25.06 7.18 -0.39
C1 PG4 L . 23.78 7.29 -1.03
C2 PG4 L . 22.71 7.49 0.03
O2 PG4 L . 21.46 7.00 -0.45
C3 PG4 L . 20.61 6.53 0.60
C4 PG4 L . 20.55 5.01 0.57
O3 PG4 L . 20.26 4.48 1.84
C5 PG4 L . 21.41 3.91 2.48
C6 PG4 L . 21.40 4.33 3.95
O4 PG4 L . 22.71 4.45 4.47
O2 PG4 M . -2.15 17.38 -10.48
C3 PG4 M . -2.31 17.17 -11.87
C4 PG4 M . -3.04 15.85 -12.07
O3 PG4 M . -2.36 15.02 -13.01
C5 PG4 M . -2.99 15.09 -14.28
C6 PG4 M . -2.11 15.76 -15.32
O4 PG4 M . -2.65 15.39 -16.59
C7 PG4 M . -1.75 15.69 -17.66
C8 PG4 M . -0.66 14.62 -17.75
O5 PG4 M . 0.51 15.05 -17.06
O1 PG4 N . -4.55 6.43 2.87
C1 PG4 N . -3.93 7.26 3.86
C2 PG4 N . -3.88 8.69 3.32
O2 PG4 N . -3.28 9.50 4.31
C3 PG4 N . -3.28 10.88 3.97
C4 PG4 N . -3.70 11.74 5.17
O1 PG4 O . -7.95 -2.80 -10.32
C1 PG4 O . -8.33 -4.06 -9.75
C2 PG4 O . -9.60 -3.87 -8.94
O2 PG4 O . -10.76 -4.29 -9.68
C3 PG4 O . -11.55 -3.19 -10.12
C4 PG4 O . -12.89 -3.70 -10.64
O3 PG4 O . -13.18 -3.07 -11.89
O1 PG4 P . 10.03 -4.03 -18.75
C1 PG4 P . 9.04 -4.93 -18.25
C2 PG4 P . 9.05 -4.89 -16.71
O2 PG4 P . 7.71 -4.84 -16.21
C3 PG4 P . 6.97 -6.02 -16.60
C4 PG4 P . 5.48 -5.76 -16.77
O3 PG4 P . 5.21 -4.34 -16.77
C5 PG4 P . 4.40 -3.91 -17.85
C6 PG4 P . 5.29 -3.78 -19.08
O4 PG4 P . 4.54 -4.05 -20.26
O1 PG4 Q . -19.98 -15.83 8.90
C1 PG4 Q . -19.56 -15.46 7.58
C2 PG4 Q . -18.18 -14.82 7.65
O2 PG4 Q . -17.42 -15.16 6.49
C3 PG4 Q . -16.21 -15.85 6.80
O2 PG4 R . 14.57 4.50 -22.79
C3 PG4 R . 13.95 4.65 -24.06
C4 PG4 R . 13.06 5.89 -24.03
O3 PG4 R . 11.74 5.62 -24.50
C5 PG4 R . 11.75 5.51 -25.94
C6 PG4 R . 11.35 4.12 -26.38
C1 PG6 S . 14.03 -9.63 -29.13
O1 PG6 S . 14.75 -8.65 -29.89
C2 PG6 S . 13.93 -7.83 -30.71
C3 PG6 S . 13.69 -6.44 -30.11
O2 PG6 S . 12.36 -5.97 -30.33
C4 PG6 S . 11.91 -6.00 -31.70
C5 PG6 S . 10.39 -5.86 -31.75
O3 PG6 S . 9.80 -6.83 -32.61
C6 PG6 S . 8.91 -7.70 -31.91
C7 PG6 S . 8.22 -8.71 -32.81
O4 PG6 S . 8.92 -9.97 -32.83
C8 PG6 S . 8.36 -10.92 -31.92
C1 PG6 T . -4.58 9.13 -15.82
O1 PG6 T . -4.26 7.74 -15.82
C2 PG6 T . -5.12 6.98 -16.69
C3 PG6 T . -4.27 6.14 -17.62
O2 PG6 T . -5.09 5.34 -18.45
C4 PG6 T . -5.03 3.97 -18.07
C5 PG6 T . -6.25 3.18 -18.53
O3 PG6 T . -7.02 2.78 -17.39
C6 PG6 T . -6.78 1.44 -16.96
C7 PG6 T . -6.63 1.37 -15.44
O4 PG6 T . -5.26 1.44 -15.09
C8 PG6 T . -4.98 1.07 -13.74
C9 PG6 T . -4.05 2.09 -13.09
O5 PG6 T . -4.70 2.62 -11.93
C10 PG6 T . -4.26 3.92 -11.52
C11 PG6 T . -4.86 4.98 -12.42
O6 PG6 T . -5.21 6.16 -11.72
C12 PG6 T . -5.52 7.21 -12.62
#